data_5G3Q
#
_entry.id   5G3Q
#
_cell.length_a   39.238
_cell.length_b   70.324
_cell.length_c   82.255
_cell.angle_alpha   90.00
_cell.angle_beta   90.00
_cell.angle_gamma   90.00
#
_symmetry.space_group_name_H-M   'P 21 21 21'
#
loop_
_entity.id
_entity.type
_entity.pdbx_description
1 polymer WNK1
2 water water
#
_entity_poly.entity_id   1
_entity_poly.type   'polypeptide(L)'
_entity_poly.pdbx_seq_one_letter_code
;SMTSRPKLRILNVSNKGDRVVECQLETHNRKMVTFKFDLDGDNPEEIATIMVNNDFILAIERESFVDQVREIIEKADEML
SEDVSVEPE
;
_entity_poly.pdbx_strand_id   A,B
#
# COMPACT_ATOMS: atom_id res chain seq x y z
N SER A 1 3.08 -20.64 -6.78
CA SER A 1 1.73 -20.08 -6.80
C SER A 1 1.32 -19.75 -8.25
N MET A 2 0.02 -19.76 -8.53
CA MET A 2 -0.47 -19.42 -9.87
C MET A 2 -0.58 -17.90 -9.99
N THR A 3 0.02 -17.37 -11.04
CA THR A 3 0.02 -15.91 -11.34
C THR A 3 -0.29 -15.61 -12.81
N SER A 4 -0.71 -14.37 -13.10
CA SER A 4 -0.87 -13.87 -14.47
C SER A 4 -0.41 -12.41 -14.45
N ARG A 5 0.08 -11.93 -15.59
CA ARG A 5 0.71 -10.61 -15.74
C ARG A 5 -0.27 -9.73 -16.54
N PRO A 6 -0.89 -8.74 -15.89
CA PRO A 6 -1.76 -7.81 -16.65
C PRO A 6 -0.90 -6.91 -17.55
N LYS A 7 -1.50 -6.51 -18.69
CA LYS A 7 -0.81 -5.67 -19.68
C LYS A 7 -1.09 -4.20 -19.42
N LEU A 8 -0.02 -3.46 -19.10
CA LEU A 8 -0.12 -2.03 -18.73
C LEU A 8 0.68 -1.17 -19.70
N ARG A 9 0.15 0.00 -20.03
CA ARG A 9 0.91 1.02 -20.84
C ARG A 9 0.90 2.37 -20.06
N ILE A 10 2.03 3.08 -20.04
CA ILE A 10 2.09 4.46 -19.56
C ILE A 10 1.56 5.36 -20.67
N LEU A 11 0.58 6.20 -20.39
CA LEU A 11 0.04 7.15 -21.43
C LEU A 11 0.66 8.56 -21.26
N ASN A 12 0.85 8.99 -20.02
CA ASN A 12 1.34 10.36 -19.77
C ASN A 12 2.02 10.47 -18.38
N VAL A 13 3.06 11.30 -18.26
CA VAL A 13 3.62 11.71 -16.95
C VAL A 13 3.63 13.26 -16.92
N SER A 14 2.97 13.86 -15.93
CA SER A 14 2.81 15.33 -15.76
C SER A 14 3.64 15.84 -14.56
N ASN A 15 4.35 16.97 -14.70
CA ASN A 15 5.18 17.54 -13.63
C ASN A 15 4.87 19.04 -13.54
N LYS A 16 3.59 19.34 -13.41
CA LYS A 16 3.11 20.74 -13.40
C LYS A 16 2.40 21.05 -12.09
N GLY A 17 3.02 20.74 -10.95
CA GLY A 17 2.42 21.10 -9.66
C GLY A 17 2.25 19.92 -8.73
N ASP A 18 1.45 18.96 -9.17
CA ASP A 18 1.50 17.61 -8.62
C ASP A 18 2.15 16.73 -9.68
N ARG A 19 2.78 15.63 -9.23
CA ARG A 19 3.46 14.71 -10.13
C ARG A 19 2.57 13.47 -10.35
N VAL A 20 2.03 13.33 -11.59
CA VAL A 20 0.91 12.43 -11.87
C VAL A 20 1.17 11.54 -13.09
N VAL A 21 0.96 10.23 -12.93
CA VAL A 21 1.14 9.23 -14.01
C VAL A 21 -0.26 8.76 -14.41
N GLU A 22 -0.54 8.80 -15.73
CA GLU A 22 -1.73 8.21 -16.30
C GLU A 22 -1.32 6.93 -17.04
N CYS A 23 -1.98 5.82 -16.68
CA CYS A 23 -1.74 4.49 -17.23
C CYS A 23 -3.05 3.91 -17.84
N GLN A 24 -2.87 2.90 -18.67
CA GLN A 24 -3.96 2.17 -19.31
C GLN A 24 -3.80 0.66 -19.15
N LEU A 25 -4.87 0.04 -18.72
CA LEU A 25 -5.03 -1.38 -18.60
C LEU A 25 -5.96 -1.91 -19.68
N GLU A 26 -5.56 -3.03 -20.25
CA GLU A 26 -6.42 -3.82 -21.10
C GLU A 26 -7.17 -5.03 -20.41
N THR A 27 -8.51 -5.02 -20.30
CA THR A 27 -9.36 -6.01 -19.52
C THR A 27 -9.70 -7.37 -20.27
N HIS A 28 -9.96 -8.46 -19.53
CA HIS A 28 -10.25 -9.77 -20.18
C HIS A 28 -11.68 -9.87 -20.80
N ASN A 29 -12.65 -9.10 -20.30
CA ASN A 29 -13.98 -9.01 -20.94
C ASN A 29 -14.10 -7.79 -21.89
N ARG A 30 -12.92 -7.31 -22.32
CA ARG A 30 -12.71 -6.40 -23.45
C ARG A 30 -13.17 -4.96 -23.17
N LYS A 31 -12.71 -4.43 -22.05
CA LYS A 31 -12.98 -3.03 -21.69
C LYS A 31 -11.65 -2.33 -21.38
N MET A 32 -11.29 -1.21 -22.02
CA MET A 32 -10.02 -0.50 -21.63
C MET A 32 -10.26 0.43 -20.40
N VAL A 33 -9.31 0.46 -19.47
CA VAL A 33 -9.48 1.15 -18.19
C VAL A 33 -8.26 2.05 -18.06
N THR A 34 -8.48 3.37 -17.93
CA THR A 34 -7.42 4.35 -17.72
C THR A 34 -7.45 4.72 -16.23
N PHE A 35 -6.28 4.85 -15.58
CA PHE A 35 -6.21 5.22 -14.18
C PHE A 35 -5.02 6.16 -13.94
N LYS A 36 -5.13 7.02 -12.94
CA LYS A 36 -4.09 8.03 -12.66
C LYS A 36 -3.65 7.87 -11.23
N PHE A 37 -2.35 8.02 -10.97
CA PHE A 37 -1.88 8.05 -9.57
C PHE A 37 -0.83 9.12 -9.37
N ASP A 38 -0.74 9.60 -8.13
CA ASP A 38 0.27 10.60 -7.71
C ASP A 38 1.56 9.94 -7.21
N LEU A 39 2.73 10.33 -7.70
CA LEU A 39 4.02 9.74 -7.33
C LEU A 39 4.30 9.83 -5.88
N ASP A 40 3.88 10.93 -5.31
CA ASP A 40 4.22 11.24 -3.92
C ASP A 40 3.18 10.66 -2.97
N GLY A 41 1.91 10.68 -3.35
CA GLY A 41 0.81 10.41 -2.42
C GLY A 41 0.13 9.04 -2.42
N ASP A 42 0.30 8.27 -3.49
CA ASP A 42 -0.44 7.05 -3.68
C ASP A 42 0.51 5.85 -3.49
N ASN A 43 -0.03 4.71 -3.11
CA ASN A 43 0.74 3.48 -2.90
C ASN A 43 0.29 2.38 -3.86
N PRO A 44 1.25 1.63 -4.48
CA PRO A 44 0.80 0.61 -5.47
C PRO A 44 -0.23 -0.43 -4.94
N GLU A 45 -0.11 -0.82 -3.66
CA GLU A 45 -1.10 -1.74 -3.07
C GLU A 45 -2.51 -1.16 -2.89
N GLU A 46 -2.58 0.13 -2.55
CA GLU A 46 -3.86 0.84 -2.47
C GLU A 46 -4.57 0.91 -3.83
N ILE A 47 -3.78 1.21 -4.88
CA ILE A 47 -4.29 1.22 -6.27
C ILE A 47 -4.76 -0.19 -6.68
N ALA A 48 -3.96 -1.21 -6.37
CA ALA A 48 -4.34 -2.60 -6.65
C ALA A 48 -5.70 -3.02 -6.00
N THR A 49 -5.94 -2.63 -4.73
CA THR A 49 -7.24 -2.93 -4.10
C THR A 49 -8.45 -2.35 -4.86
N ILE A 50 -8.33 -1.11 -5.29
CA ILE A 50 -9.37 -0.45 -6.11
C ILE A 50 -9.59 -1.26 -7.39
N MET A 51 -8.51 -1.69 -8.04
CA MET A 51 -8.64 -2.39 -9.31
C MET A 51 -9.26 -3.77 -9.12
N VAL A 52 -8.90 -4.49 -8.03
CA VAL A 52 -9.44 -5.83 -7.80
C VAL A 52 -10.96 -5.74 -7.46
N ASN A 53 -11.32 -4.75 -6.64
CA ASN A 53 -12.70 -4.66 -6.12
C ASN A 53 -13.67 -4.42 -7.26
N ASN A 54 -13.19 -3.71 -8.28
CA ASN A 54 -14.01 -3.29 -9.43
C ASN A 54 -13.92 -4.25 -10.57
N ASP A 55 -13.28 -5.39 -10.30
CA ASP A 55 -13.11 -6.44 -11.27
C ASP A 55 -12.32 -6.00 -12.50
N PHE A 56 -11.37 -5.07 -12.33
CA PHE A 56 -10.56 -4.65 -13.47
C PHE A 56 -9.28 -5.50 -13.59
N ILE A 57 -8.80 -6.06 -12.49
CA ILE A 57 -7.80 -7.14 -12.57
C ILE A 57 -8.24 -8.32 -11.68
N LEU A 58 -7.71 -9.48 -12.01
CA LEU A 58 -7.93 -10.72 -11.24
C LEU A 58 -7.12 -10.75 -9.95
N ALA A 59 -7.58 -11.49 -8.93
CA ALA A 59 -6.71 -11.77 -7.79
C ALA A 59 -5.36 -12.39 -8.15
N ILE A 60 -5.31 -13.33 -9.10
CA ILE A 60 -4.01 -13.84 -9.53
C ILE A 60 -3.14 -12.86 -10.33
N GLU A 61 -3.69 -11.69 -10.70
CA GLU A 61 -2.89 -10.58 -11.30
C GLU A 61 -2.38 -9.53 -10.33
N ARG A 62 -2.79 -9.60 -9.06
CA ARG A 62 -2.46 -8.53 -8.06
C ARG A 62 -0.94 -8.34 -7.85
N GLU A 63 -0.20 -9.45 -7.63
CA GLU A 63 1.23 -9.35 -7.36
C GLU A 63 2.02 -8.68 -8.50
N SER A 64 1.71 -9.10 -9.73
CA SER A 64 2.33 -8.53 -10.93
C SER A 64 1.91 -7.06 -11.11
N PHE A 65 0.65 -6.75 -10.89
CA PHE A 65 0.21 -5.34 -10.97
C PHE A 65 0.98 -4.42 -10.00
N VAL A 66 1.10 -4.85 -8.74
CA VAL A 66 1.83 -4.07 -7.75
C VAL A 66 3.33 -3.92 -8.13
N ASP A 67 3.97 -5.01 -8.56
CA ASP A 67 5.38 -4.98 -8.97
C ASP A 67 5.56 -3.98 -10.13
N GLN A 68 4.66 -4.03 -11.11
CA GLN A 68 4.77 -3.11 -12.26
C GLN A 68 4.58 -1.63 -11.87
N VAL A 69 3.53 -1.35 -11.09
CA VAL A 69 3.28 0.03 -10.65
C VAL A 69 4.42 0.55 -9.77
N ARG A 70 4.96 -0.28 -8.87
CA ARG A 70 6.12 0.12 -8.11
C ARG A 70 7.32 0.50 -9.02
N GLU A 71 7.63 -0.26 -10.07
CA GLU A 71 8.70 0.04 -10.99
C GLU A 71 8.43 1.36 -11.76
N ILE A 72 7.20 1.55 -12.21
CA ILE A 72 6.85 2.82 -12.91
C ILE A 72 7.09 4.03 -12.02
N ILE A 73 6.71 3.97 -10.73
CA ILE A 73 6.87 5.06 -9.78
C ILE A 73 8.40 5.36 -9.63
N GLU A 74 9.20 4.30 -9.45
CA GLU A 74 10.65 4.50 -9.34
C GLU A 74 11.27 5.20 -10.55
N LYS A 75 10.94 4.75 -11.77
CA LYS A 75 11.50 5.28 -13.00
C LYS A 75 11.04 6.74 -13.20
N ALA A 76 9.76 7.01 -12.94
CA ALA A 76 9.22 8.37 -13.09
C ALA A 76 9.90 9.32 -12.08
N ASP A 77 10.13 8.83 -10.84
CA ASP A 77 10.76 9.64 -9.81
C ASP A 77 12.22 9.98 -10.21
N GLU A 78 12.93 9.01 -10.75
CA GLU A 78 14.29 9.29 -11.23
C GLU A 78 14.30 10.27 -12.40
N MET A 79 13.37 10.08 -13.33
CA MET A 79 13.28 10.99 -14.49
C MET A 79 13.01 12.46 -14.06
N LEU A 80 12.17 12.68 -13.04
CA LEU A 80 11.77 14.03 -12.63
C LEU A 80 12.61 14.62 -11.53
N SER A 81 13.62 13.87 -11.10
CA SER A 81 14.44 14.37 -10.03
C SER A 81 15.29 15.52 -10.61
N GLU A 82 15.58 16.47 -9.73
CA GLU A 82 16.37 17.65 -10.11
C GLU A 82 17.57 17.80 -9.19
N ASP A 83 18.57 18.59 -9.62
CA ASP A 83 19.58 19.13 -8.68
C ASP A 83 18.97 19.77 -7.38
N VAL A 84 19.65 19.68 -6.21
CA VAL A 84 19.15 20.28 -4.99
C VAL A 84 20.35 20.92 -4.23
N SER A 85 20.12 21.97 -3.42
CA SER A 85 21.17 22.56 -2.58
C SER A 85 20.87 22.34 -1.12
N VAL A 86 21.91 22.05 -0.34
CA VAL A 86 21.78 21.95 1.11
C VAL A 86 22.14 23.33 1.64
N GLU A 87 21.23 23.95 2.39
CA GLU A 87 21.47 25.30 2.91
C GLU A 87 22.00 25.22 4.35
N PRO A 88 23.26 25.65 4.55
CA PRO A 88 23.82 25.74 5.90
C PRO A 88 23.59 27.14 6.47
N GLU A 89 22.44 27.73 6.14
CA GLU A 89 22.19 29.17 6.34
C GLU A 89 21.65 29.55 7.71
N ARG B 5 -13.54 -11.54 10.18
CA ARG B 5 -12.83 -10.58 11.01
C ARG B 5 -11.94 -11.31 12.04
N PRO B 6 -10.67 -11.58 11.67
CA PRO B 6 -9.63 -11.79 12.69
C PRO B 6 -9.47 -10.47 13.44
N LYS B 7 -8.75 -10.41 14.56
CA LYS B 7 -8.83 -9.22 15.44
C LYS B 7 -7.44 -8.70 15.90
N LEU B 8 -7.20 -7.38 15.71
CA LEU B 8 -5.95 -6.70 16.16
C LEU B 8 -6.08 -5.95 17.50
N ARG B 9 -5.09 -6.11 18.39
CA ARG B 9 -4.96 -5.32 19.62
C ARG B 9 -3.60 -4.58 19.68
N ILE B 10 -3.58 -3.35 20.18
CA ILE B 10 -2.32 -2.66 20.49
C ILE B 10 -1.70 -3.15 21.79
N LEU B 11 -0.42 -3.55 21.77
CA LEU B 11 0.31 -3.90 22.99
C LEU B 11 1.19 -2.74 23.53
N ASN B 12 1.71 -1.89 22.62
CA ASN B 12 2.70 -0.86 23.00
C ASN B 12 2.81 0.19 21.90
N VAL B 13 2.93 1.47 22.32
CA VAL B 13 3.28 2.58 21.44
C VAL B 13 4.48 3.30 22.08
N SER B 14 5.58 3.40 21.29
CA SER B 14 6.85 3.99 21.72
C SER B 14 7.12 5.28 20.94
N ASN B 15 7.55 6.33 21.64
CA ASN B 15 7.75 7.67 21.05
C ASN B 15 9.11 8.19 21.42
N LYS B 16 10.13 7.37 21.13
CA LYS B 16 11.51 7.70 21.42
C LYS B 16 12.34 7.53 20.17
N GLY B 17 12.49 8.59 19.39
CA GLY B 17 13.36 8.55 18.23
C GLY B 17 12.60 8.18 16.97
N ASP B 18 12.19 6.92 16.90
CA ASP B 18 11.20 6.48 15.90
C ASP B 18 9.85 6.25 16.63
N ARG B 19 8.74 6.47 15.93
CA ARG B 19 7.42 6.20 16.51
C ARG B 19 7.03 4.76 16.08
N VAL B 20 6.99 3.83 17.02
CA VAL B 20 6.81 2.40 16.74
C VAL B 20 5.59 1.85 17.48
N VAL B 21 4.76 1.11 16.75
CA VAL B 21 3.57 0.42 17.31
C VAL B 21 3.80 -1.11 17.34
N GLU B 22 3.57 -1.72 18.52
CA GLU B 22 3.53 -3.19 18.66
C GLU B 22 2.06 -3.68 18.82
N CYS B 23 1.69 -4.64 17.93
CA CYS B 23 0.32 -5.18 17.85
C CYS B 23 0.30 -6.70 17.97
N GLN B 24 -0.84 -7.24 18.40
CA GLN B 24 -1.05 -8.70 18.44
C GLN B 24 -2.29 -9.03 17.60
N LEU B 25 -2.15 -10.04 16.73
CA LEU B 25 -3.18 -10.52 15.83
C LEU B 25 -3.62 -11.85 16.37
N GLU B 26 -4.92 -11.97 16.59
CA GLU B 26 -5.55 -13.27 16.84
C GLU B 26 -6.15 -13.75 15.53
N THR B 27 -5.67 -14.85 15.01
CA THR B 27 -6.05 -15.27 13.65
C THR B 27 -7.33 -16.08 13.69
N HIS B 28 -7.87 -16.37 12.50
CA HIS B 28 -8.93 -17.37 12.34
C HIS B 28 -8.52 -18.67 13.04
N ASN B 29 -7.25 -19.05 12.86
CA ASN B 29 -6.66 -20.26 13.45
C ASN B 29 -6.57 -20.25 14.99
N ARG B 30 -7.08 -19.18 15.60
CA ARG B 30 -6.93 -18.93 17.03
C ARG B 30 -5.45 -18.87 17.50
N LYS B 31 -4.49 -18.82 16.57
CA LYS B 31 -3.10 -18.54 16.93
C LYS B 31 -2.88 -17.03 17.13
N MET B 32 -1.87 -16.70 17.95
CA MET B 32 -1.43 -15.31 18.17
C MET B 32 -0.08 -15.00 17.48
N VAL B 33 -0.03 -13.85 16.81
CA VAL B 33 1.15 -13.36 16.07
C VAL B 33 1.40 -11.92 16.58
N THR B 34 2.60 -11.61 17.11
CA THR B 34 2.93 -10.23 17.54
C THR B 34 3.90 -9.63 16.53
N PHE B 35 3.71 -8.36 16.19
CA PHE B 35 4.56 -7.68 15.18
C PHE B 35 4.66 -6.18 15.51
N LYS B 36 5.70 -5.52 14.99
CA LYS B 36 5.92 -4.10 15.14
C LYS B 36 5.99 -3.44 13.76
N PHE B 37 5.56 -2.17 13.68
CA PHE B 37 5.77 -1.36 12.47
C PHE B 37 5.99 0.12 12.83
N ASP B 38 6.52 0.88 11.87
CA ASP B 38 6.74 2.34 12.02
C ASP B 38 5.46 3.12 11.69
N LEU B 39 5.01 3.91 12.68
CA LEU B 39 3.75 4.67 12.58
C LEU B 39 3.65 5.57 11.36
N ASP B 40 4.78 6.19 11.04
CA ASP B 40 4.86 7.12 9.93
C ASP B 40 5.28 6.49 8.60
N GLY B 41 6.09 5.44 8.66
CA GLY B 41 6.81 4.92 7.51
C GLY B 41 6.17 3.76 6.81
N ASP B 42 5.40 2.96 7.54
CA ASP B 42 4.89 1.72 6.96
C ASP B 42 3.44 1.83 6.54
N ASN B 43 3.12 1.17 5.45
CA ASN B 43 1.79 1.23 4.84
C ASN B 43 0.90 0.03 5.21
N PRO B 44 -0.36 0.26 5.63
CA PRO B 44 -1.33 -0.76 6.02
C PRO B 44 -1.56 -1.89 5.00
N GLU B 45 -1.69 -1.50 3.71
CA GLU B 45 -1.87 -2.51 2.68
C GLU B 45 -0.63 -3.40 2.47
N GLU B 46 0.57 -2.84 2.60
CA GLU B 46 1.81 -3.60 2.49
C GLU B 46 1.93 -4.61 3.63
N ILE B 47 1.51 -4.16 4.82
CA ILE B 47 1.53 -5.07 6.02
C ILE B 47 0.52 -6.20 5.76
N ALA B 48 -0.64 -5.89 5.20
CA ALA B 48 -1.62 -6.94 4.89
C ALA B 48 -1.15 -7.99 3.88
N THR B 49 -0.40 -7.59 2.85
CA THR B 49 0.17 -8.53 1.89
C THR B 49 1.11 -9.50 2.59
N ILE B 50 1.94 -9.01 3.52
CA ILE B 50 2.81 -9.94 4.27
C ILE B 50 1.94 -10.96 5.09
N MET B 51 0.87 -10.51 5.73
CA MET B 51 -0.01 -11.39 6.51
C MET B 51 -0.70 -12.46 5.63
N VAL B 52 -1.13 -12.08 4.43
CA VAL B 52 -1.76 -13.02 3.49
C VAL B 52 -0.73 -14.07 3.00
N ASN B 53 0.42 -13.60 2.63
CA ASN B 53 1.44 -14.49 2.07
C ASN B 53 1.98 -15.49 3.10
N ASN B 54 1.95 -15.11 4.38
CA ASN B 54 2.33 -16.07 5.45
C ASN B 54 1.15 -16.86 6.05
N ASP B 55 -0.01 -16.75 5.41
CA ASP B 55 -1.23 -17.49 5.79
C ASP B 55 -1.76 -17.15 7.18
N PHE B 56 -1.44 -15.96 7.66
CA PHE B 56 -2.03 -15.49 8.91
C PHE B 56 -3.41 -14.90 8.73
N ILE B 57 -3.72 -14.39 7.53
CA ILE B 57 -5.11 -14.01 7.21
C ILE B 57 -5.41 -14.48 5.79
N LEU B 58 -6.69 -14.56 5.47
CA LEU B 58 -7.13 -14.93 4.12
C LEU B 58 -7.20 -13.68 3.22
N ALA B 59 -7.10 -13.82 1.90
CA ALA B 59 -7.27 -12.68 1.00
C ALA B 59 -8.60 -11.98 1.28
N ILE B 60 -9.64 -12.74 1.58
CA ILE B 60 -10.94 -12.12 1.79
C ILE B 60 -11.01 -11.33 3.12
N GLU B 61 -10.07 -11.60 4.03
CA GLU B 61 -9.98 -10.87 5.29
C GLU B 61 -9.12 -9.58 5.21
N ARG B 62 -8.53 -9.32 4.05
CA ARG B 62 -7.72 -8.12 3.81
C ARG B 62 -8.36 -6.80 4.24
N GLU B 63 -9.59 -6.55 3.80
CA GLU B 63 -10.20 -5.25 4.00
C GLU B 63 -10.46 -4.97 5.48
N SER B 64 -10.89 -6.00 6.20
CA SER B 64 -11.06 -5.89 7.65
C SER B 64 -9.70 -5.61 8.35
N PHE B 65 -8.67 -6.34 7.98
CA PHE B 65 -7.36 -6.13 8.61
C PHE B 65 -6.84 -4.72 8.32
N VAL B 66 -6.91 -4.30 7.05
CA VAL B 66 -6.44 -2.97 6.68
C VAL B 66 -7.19 -1.86 7.42
N ASP B 67 -8.52 -2.04 7.51
CA ASP B 67 -9.33 -1.06 8.21
C ASP B 67 -8.90 -0.92 9.69
N GLN B 68 -8.61 -2.07 10.30
CA GLN B 68 -8.22 -2.09 11.72
C GLN B 68 -6.87 -1.39 11.86
N VAL B 69 -5.89 -1.67 11.00
CA VAL B 69 -4.61 -0.97 11.09
C VAL B 69 -4.71 0.56 10.83
N ARG B 70 -5.53 0.97 9.85
CA ARG B 70 -5.74 2.40 9.64
C ARG B 70 -6.32 3.10 10.90
N GLU B 71 -7.28 2.48 11.58
CA GLU B 71 -7.83 3.06 12.84
C GLU B 71 -6.77 3.14 13.95
N ILE B 72 -5.94 2.11 14.08
CA ILE B 72 -4.83 2.18 15.04
C ILE B 72 -3.87 3.33 14.77
N ILE B 73 -3.45 3.54 13.49
CA ILE B 73 -2.55 4.59 13.10
C ILE B 73 -3.17 5.99 13.35
N GLU B 74 -4.46 6.14 13.05
CA GLU B 74 -5.18 7.40 13.33
C GLU B 74 -5.21 7.72 14.82
N LYS B 75 -5.55 6.74 15.65
CA LYS B 75 -5.67 6.99 17.12
C LYS B 75 -4.31 7.19 17.79
N ALA B 76 -3.28 6.45 17.35
CA ALA B 76 -1.96 6.73 17.88
C ALA B 76 -1.39 8.08 17.44
N ASP B 77 -1.65 8.48 16.19
CA ASP B 77 -1.17 9.77 15.73
C ASP B 77 -1.90 10.88 16.51
N GLU B 78 -3.22 10.76 16.73
CA GLU B 78 -3.95 11.71 17.61
C GLU B 78 -3.34 11.75 19.04
N MET B 79 -3.06 10.60 19.64
CA MET B 79 -2.52 10.60 21.00
C MET B 79 -1.18 11.32 21.12
N LEU B 80 -0.34 11.20 20.09
CA LEU B 80 1.00 11.77 20.18
C LEU B 80 1.09 13.18 19.58
N SER B 81 -0.04 13.74 19.17
CA SER B 81 0.00 15.11 18.61
C SER B 81 0.39 16.07 19.72
N GLU B 82 1.55 16.71 19.57
CA GLU B 82 2.13 17.56 20.61
C GLU B 82 2.64 18.86 20.01
N ASP B 83 3.66 19.44 20.63
CA ASP B 83 4.36 20.57 20.05
C ASP B 83 5.39 20.09 19.03
#